data_3CX8
#
_entry.id   3CX8
#
_cell.length_a   58.109
_cell.length_b   66.117
_cell.length_c   152.521
_cell.angle_alpha   90.000
_cell.angle_beta   90.000
_cell.angle_gamma   90.000
#
_symmetry.space_group_name_H-M   'P 21 21 21'
#
loop_
_entity.id
_entity.type
_entity.pdbx_description
1 polymer 'Guanine nucleotide-binding protein alpha-13 subunit'
2 polymer 'Rho guanine nucleotide exchange factor 11'
3 non-polymer 'MAGNESIUM ION'
4 non-polymer "5'-GUANOSINE-DIPHOSPHATE-MONOTHIOPHOSPHATE"
5 water water
#
loop_
_entity_poly.entity_id
_entity_poly.type
_entity_poly.pdbx_seq_one_letter_code
_entity_poly.pdbx_strand_id
1 'polypeptide(L)'
;GEKTYVKRLVKILLLGAGESGKSTFLKQMRIIHGQDFDQRAREEFRPTIYSNVIKGMRVLVDAREKLHIPWGDNKNQLHG
DKLMAFDTRAPMAAQGMVETRVFLQYLPAIRALWEDSGIQNAYDRRREFQLGESVKYFLDNLDKLGVPDYIPSQQDILLA
RRPTKGIHEYDFEIKNVPFKMVDVGGQRSERKRWFECFDSVTSILFLVSSSEFDQVLMEDRQTNRLTESLNIFETIVNNR
VFSNVSIILFLNKTDLLEEKVQVVSIKDYFLEFEGDPHCLRDVQKFLVECFRGKRRDQQQRPLYHHFTTAINTENIRLVF
RDVKDTILHDNLKQLMLQ
;
A
2 'polypeptide(L)'
;GLIIGPEEDYDPGYFNNESDIIFQDLEKLKSHPAYLVVFLRYILSQADPGPLLFYLCSEVYQQTNPKDSRSLGKDIWNIF
LEKNAPLRVKIPEMLQAEIDLRLRNNEDPRNVLCEAQEAVMLEIQEQINDYRSKRTLGLGSLYGENDLLGLDGDPLRERQ
MAEKQLAALGDILSKYEEDRSAPMDFAVNTFMSHAGIRLRESR
;
B
#
loop_
_chem_comp.id
_chem_comp.type
_chem_comp.name
_chem_comp.formula
GSP non-polymer 5'-GUANOSINE-DIPHOSPHATE-MONOTHIOPHOSPHATE 'C10 H16 N5 O13 P3 S'
MG non-polymer 'MAGNESIUM ION' 'Mg 2'
#
# COMPACT_ATOMS: atom_id res chain seq x y z
N ARG A 8 9.32 20.37 16.56
CA ARG A 8 10.19 21.31 15.81
C ARG A 8 10.75 20.65 14.55
N LEU A 9 11.02 19.36 14.64
CA LEU A 9 11.54 18.60 13.52
C LEU A 9 10.41 18.33 12.52
N VAL A 10 10.70 18.47 11.22
CA VAL A 10 9.70 18.19 10.21
C VAL A 10 9.94 16.75 9.74
N LYS A 11 9.08 15.84 10.20
CA LYS A 11 9.22 14.43 9.84
C LYS A 11 8.35 14.08 8.64
N ILE A 12 8.98 13.59 7.59
CA ILE A 12 8.28 13.22 6.36
C ILE A 12 8.40 11.72 6.10
N LEU A 13 7.25 11.08 5.89
CA LEU A 13 7.21 9.64 5.64
C LEU A 13 6.97 9.37 4.16
N LEU A 14 7.80 8.53 3.56
CA LEU A 14 7.64 8.17 2.15
C LEU A 14 6.85 6.86 2.08
N LEU A 15 5.69 6.88 1.43
CA LEU A 15 4.87 5.69 1.29
C LEU A 15 4.58 5.45 -0.19
N GLY A 16 4.20 4.22 -0.50
CA GLY A 16 3.89 3.87 -1.88
C GLY A 16 4.16 2.41 -2.09
N ALA A 17 3.60 1.85 -3.16
CA ALA A 17 3.77 0.43 -3.47
C ALA A 17 5.21 0.17 -3.89
N GLY A 18 5.54 -1.11 -4.08
CA GLY A 18 6.89 -1.45 -4.48
C GLY A 18 7.27 -0.78 -5.80
N GLU A 19 8.54 -0.36 -5.88
CA GLU A 19 9.09 0.27 -7.07
C GLU A 19 8.49 1.60 -7.48
N SER A 20 7.90 2.33 -6.54
CA SER A 20 7.30 3.62 -6.88
C SER A 20 8.35 4.75 -6.93
N GLY A 21 9.52 4.50 -6.36
CA GLY A 21 10.59 5.49 -6.39
C GLY A 21 10.99 6.13 -5.06
N LYS A 22 10.49 5.59 -3.96
CA LYS A 22 10.77 6.12 -2.63
C LYS A 22 12.26 6.24 -2.29
N SER A 23 13.02 5.17 -2.48
CA SER A 23 14.44 5.18 -2.17
C SER A 23 15.24 6.09 -3.10
N THR A 24 14.74 6.26 -4.32
CA THR A 24 15.40 7.12 -5.29
C THR A 24 15.22 8.55 -4.81
N PHE A 25 14.01 8.87 -4.35
CA PHE A 25 13.72 10.20 -3.83
C PHE A 25 14.63 10.50 -2.64
N LEU A 26 14.79 9.49 -1.77
CA LEU A 26 15.63 9.64 -0.58
C LEU A 26 17.08 9.95 -0.97
N LYS A 27 17.58 9.31 -2.02
CA LYS A 27 18.95 9.56 -2.47
C LYS A 27 19.06 11.02 -2.96
N GLN A 28 18.00 11.52 -3.58
CA GLN A 28 18.01 12.90 -4.07
C GLN A 28 18.15 13.91 -2.93
N MET A 29 17.49 13.65 -1.80
CA MET A 29 17.59 14.55 -0.66
C MET A 29 19.06 14.64 -0.21
N ARG A 30 19.75 13.52 -0.23
CA ARG A 30 21.16 13.50 0.16
C ARG A 30 21.98 14.31 -0.86
N ILE A 31 21.62 14.18 -2.13
CA ILE A 31 22.32 14.92 -3.19
C ILE A 31 22.05 16.42 -3.14
N ILE A 32 20.78 16.78 -2.98
CA ILE A 32 20.36 18.18 -2.97
C ILE A 32 20.58 18.96 -1.67
N HIS A 33 20.28 18.34 -0.52
CA HIS A 33 20.42 19.01 0.76
C HIS A 33 21.44 18.40 1.72
N GLY A 34 22.01 17.26 1.35
CA GLY A 34 22.98 16.60 2.21
C GLY A 34 24.40 16.65 1.71
N GLN A 35 25.19 15.64 2.07
CA GLN A 35 26.59 15.55 1.69
C GLN A 35 26.84 14.98 0.29
N ASP A 36 25.78 14.68 -0.46
CA ASP A 36 25.93 14.11 -1.79
C ASP A 36 26.66 12.77 -1.66
N PHE A 37 27.09 12.20 -2.79
CA PHE A 37 27.78 10.93 -2.78
C PHE A 37 29.20 11.08 -3.37
N ASP A 38 30.22 10.94 -2.54
CA ASP A 38 31.58 11.04 -3.06
C ASP A 38 31.96 9.75 -3.78
N GLN A 39 33.11 9.73 -4.44
CA GLN A 39 33.54 8.55 -5.18
C GLN A 39 33.47 7.24 -4.41
N ARG A 40 33.90 7.24 -3.15
CA ARG A 40 33.86 6.01 -2.36
C ARG A 40 32.43 5.55 -2.13
N ALA A 41 31.55 6.47 -1.78
CA ALA A 41 30.16 6.11 -1.53
C ALA A 41 29.53 5.57 -2.82
N ARG A 42 29.94 6.12 -3.97
CA ARG A 42 29.40 5.65 -5.24
C ARG A 42 29.92 4.27 -5.64
N GLU A 43 31.17 3.96 -5.29
CA GLU A 43 31.74 2.67 -5.64
C GLU A 43 31.01 1.52 -4.94
N GLU A 44 30.42 1.83 -3.80
CA GLU A 44 29.68 0.84 -3.03
C GLU A 44 28.44 0.34 -3.80
N PHE A 45 28.02 1.08 -4.82
CA PHE A 45 26.86 0.68 -5.64
C PHE A 45 27.25 -0.20 -6.82
N ARG A 46 28.54 -0.26 -7.13
CA ARG A 46 29.00 -1.04 -8.28
C ARG A 46 28.53 -2.51 -8.28
N PRO A 47 28.66 -3.23 -7.16
CA PRO A 47 28.23 -4.63 -7.10
C PRO A 47 26.72 -4.81 -7.34
N THR A 48 25.94 -3.83 -6.89
CA THR A 48 24.49 -3.85 -7.06
C THR A 48 24.18 -3.64 -8.54
N ILE A 49 24.89 -2.70 -9.16
CA ILE A 49 24.71 -2.40 -10.57
C ILE A 49 25.06 -3.62 -11.42
N TYR A 50 26.18 -4.28 -11.13
CA TYR A 50 26.54 -5.46 -11.91
C TYR A 50 25.49 -6.57 -11.72
N SER A 51 24.95 -6.69 -10.52
CA SER A 51 23.92 -7.70 -10.24
C SER A 51 22.63 -7.35 -11.01
N ASN A 52 22.26 -6.08 -11.03
CA ASN A 52 21.08 -5.65 -11.77
C ASN A 52 21.16 -6.10 -13.23
N VAL A 53 22.32 -5.89 -13.84
CA VAL A 53 22.55 -6.25 -15.24
C VAL A 53 22.53 -7.74 -15.52
N ILE A 54 23.28 -8.51 -14.74
CA ILE A 54 23.30 -9.95 -14.97
C ILE A 54 21.93 -10.59 -14.72
N LYS A 55 21.32 -10.31 -13.56
CA LYS A 55 20.01 -10.88 -13.26
C LYS A 55 18.96 -10.39 -14.25
N GLY A 56 19.08 -9.14 -14.66
CA GLY A 56 18.13 -8.58 -15.59
C GLY A 56 18.23 -9.26 -16.95
N MET A 57 19.45 -9.51 -17.42
CA MET A 57 19.60 -10.16 -18.71
C MET A 57 19.11 -11.59 -18.64
N ARG A 58 19.33 -12.25 -17.50
CA ARG A 58 18.87 -13.61 -17.32
C ARG A 58 17.35 -13.64 -17.46
N VAL A 59 16.69 -12.63 -16.92
CA VAL A 59 15.23 -12.55 -17.02
C VAL A 59 14.83 -12.45 -18.49
N LEU A 60 15.58 -11.66 -19.26
CA LEU A 60 15.30 -11.47 -20.68
C LEU A 60 15.44 -12.78 -21.48
N VAL A 61 16.52 -13.54 -21.27
CA VAL A 61 16.65 -14.77 -22.05
C VAL A 61 15.59 -15.79 -21.65
N ASP A 62 15.25 -15.85 -20.36
CA ASP A 62 14.21 -16.77 -19.90
C ASP A 62 12.88 -16.37 -20.56
N ALA A 63 12.62 -15.06 -20.61
CA ALA A 63 11.39 -14.54 -21.22
C ALA A 63 11.35 -14.84 -22.72
N ARG A 64 12.49 -14.68 -23.39
CA ARG A 64 12.59 -14.95 -24.82
C ARG A 64 12.18 -16.39 -25.12
N GLU A 65 12.69 -17.30 -24.30
CA GLU A 65 12.41 -18.71 -24.43
C GLU A 65 10.96 -19.07 -24.10
N LYS A 66 10.49 -18.64 -22.93
CA LYS A 66 9.13 -18.96 -22.52
C LYS A 66 8.00 -18.27 -23.30
N LEU A 67 8.29 -17.14 -23.93
CA LEU A 67 7.28 -16.44 -24.73
C LEU A 67 7.39 -16.89 -26.18
N HIS A 68 8.30 -17.82 -26.43
CA HIS A 68 8.54 -18.36 -27.76
C HIS A 68 8.90 -17.28 -28.78
N ILE A 69 9.75 -16.35 -28.36
CA ILE A 69 10.20 -15.28 -29.25
C ILE A 69 11.43 -15.79 -30.00
N PRO A 70 11.42 -15.69 -31.34
CA PRO A 70 12.56 -16.16 -32.13
C PRO A 70 13.84 -15.40 -31.81
N TRP A 71 14.97 -16.08 -31.89
CA TRP A 71 16.27 -15.47 -31.67
C TRP A 71 16.52 -14.57 -32.87
N GLY A 72 17.27 -13.49 -32.66
CA GLY A 72 17.60 -12.64 -33.78
C GLY A 72 18.61 -13.43 -34.58
N ASP A 73 19.45 -14.17 -33.84
CA ASP A 73 20.48 -15.02 -34.40
C ASP A 73 20.63 -16.15 -33.38
N ASN A 74 20.30 -17.39 -33.77
CA ASN A 74 20.39 -18.46 -32.78
C ASN A 74 21.81 -18.82 -32.33
N LYS A 75 22.82 -18.15 -32.87
CA LYS A 75 24.18 -18.42 -32.41
C LYS A 75 24.28 -17.84 -30.99
N ASN A 76 23.35 -16.94 -30.67
CA ASN A 76 23.34 -16.31 -29.35
C ASN A 76 22.82 -17.26 -28.27
N GLN A 77 22.43 -18.47 -28.69
CA GLN A 77 21.94 -19.49 -27.77
C GLN A 77 23.05 -19.85 -26.79
N LEU A 78 24.28 -19.86 -27.28
CA LEU A 78 25.43 -20.20 -26.46
C LEU A 78 25.59 -19.15 -25.35
N HIS A 79 25.34 -17.89 -25.69
CA HIS A 79 25.44 -16.82 -24.70
C HIS A 79 24.26 -16.93 -23.73
N GLY A 80 23.10 -17.26 -24.27
CA GLY A 80 21.92 -17.42 -23.43
C GLY A 80 22.15 -18.52 -22.40
N ASP A 81 22.78 -19.62 -22.81
CA ASP A 81 23.07 -20.74 -21.92
C ASP A 81 24.00 -20.33 -20.80
N LYS A 82 25.04 -19.58 -21.17
CA LYS A 82 26.01 -19.11 -20.20
C LYS A 82 25.32 -18.28 -19.12
N LEU A 83 24.42 -17.41 -19.53
CA LEU A 83 23.71 -16.57 -18.56
C LEU A 83 22.74 -17.33 -17.67
N MET A 84 21.98 -18.27 -18.23
CA MET A 84 21.05 -19.02 -17.38
C MET A 84 21.82 -19.89 -16.39
N ALA A 85 23.06 -20.21 -16.75
CA ALA A 85 23.91 -21.03 -15.89
C ALA A 85 24.46 -20.25 -14.70
N PHE A 86 24.39 -18.92 -14.77
CA PHE A 86 24.86 -18.09 -13.65
C PHE A 86 23.92 -18.40 -12.49
N ASP A 87 24.49 -18.76 -11.34
CA ASP A 87 23.68 -19.11 -10.17
C ASP A 87 23.26 -17.90 -9.36
N THR A 88 22.02 -17.49 -9.49
CA THR A 88 21.51 -16.33 -8.78
C THR A 88 21.20 -16.61 -7.30
N ARG A 89 21.30 -17.87 -6.90
CA ARG A 89 21.03 -18.28 -5.53
C ARG A 89 22.28 -18.39 -4.66
N ALA A 90 23.45 -18.27 -5.27
CA ALA A 90 24.71 -18.34 -4.53
C ALA A 90 24.78 -17.15 -3.55
N PRO A 91 25.60 -17.28 -2.48
CA PRO A 91 25.78 -16.25 -1.45
C PRO A 91 25.82 -14.78 -1.89
N MET A 92 26.80 -14.42 -2.71
CA MET A 92 26.90 -13.03 -3.15
C MET A 92 25.74 -12.60 -4.04
N ALA A 93 25.41 -13.42 -5.03
CA ALA A 93 24.32 -13.11 -5.94
C ALA A 93 23.00 -12.98 -5.16
N ALA A 94 22.83 -13.81 -4.13
CA ALA A 94 21.62 -13.78 -3.33
C ALA A 94 21.48 -12.41 -2.64
N GLN A 95 22.61 -11.83 -2.26
CA GLN A 95 22.61 -10.52 -1.62
C GLN A 95 22.52 -9.42 -2.68
N GLY A 96 22.27 -9.82 -3.92
CA GLY A 96 22.17 -8.86 -5.01
C GLY A 96 23.49 -8.17 -5.32
N MET A 97 24.59 -8.92 -5.24
CA MET A 97 25.91 -8.36 -5.51
C MET A 97 26.73 -9.23 -6.45
N VAL A 98 27.48 -8.58 -7.32
CA VAL A 98 28.34 -9.28 -8.28
C VAL A 98 29.71 -8.63 -8.31
N GLU A 99 30.74 -9.45 -8.11
CA GLU A 99 32.12 -8.97 -8.13
C GLU A 99 32.47 -8.53 -9.55
N THR A 100 33.40 -7.58 -9.65
CA THR A 100 33.84 -7.05 -10.93
C THR A 100 34.45 -8.11 -11.85
N ARG A 101 35.29 -8.98 -11.30
CA ARG A 101 35.93 -10.00 -12.13
C ARG A 101 34.85 -10.91 -12.74
N VAL A 102 33.83 -11.22 -11.96
CA VAL A 102 32.73 -12.07 -12.43
C VAL A 102 31.96 -11.33 -13.52
N PHE A 103 31.63 -10.07 -13.28
CA PHE A 103 30.90 -9.29 -14.25
C PHE A 103 31.61 -9.32 -15.61
N LEU A 104 32.92 -9.08 -15.59
CA LEU A 104 33.71 -9.06 -16.80
C LEU A 104 33.70 -10.37 -17.58
N GLN A 105 33.47 -11.48 -16.87
CA GLN A 105 33.42 -12.77 -17.53
C GLN A 105 32.14 -12.90 -18.35
N TYR A 106 31.07 -12.24 -17.91
CA TYR A 106 29.80 -12.31 -18.61
C TYR A 106 29.57 -11.15 -19.60
N LEU A 107 30.38 -10.11 -19.51
CA LEU A 107 30.23 -8.94 -20.37
C LEU A 107 30.09 -9.28 -21.85
N PRO A 108 31.02 -10.05 -22.42
CA PRO A 108 30.90 -10.39 -23.83
C PRO A 108 29.55 -11.06 -24.19
N ALA A 109 29.10 -11.98 -23.34
CA ALA A 109 27.84 -12.66 -23.59
C ALA A 109 26.66 -11.70 -23.48
N ILE A 110 26.69 -10.83 -22.48
CA ILE A 110 25.61 -9.87 -22.26
C ILE A 110 25.52 -8.86 -23.40
N ARG A 111 26.67 -8.40 -23.87
CA ARG A 111 26.71 -7.43 -24.97
C ARG A 111 26.05 -8.03 -26.23
N ALA A 112 26.40 -9.26 -26.56
CA ALA A 112 25.85 -9.94 -27.73
C ALA A 112 24.36 -10.16 -27.59
N LEU A 113 23.92 -10.55 -26.40
CA LEU A 113 22.50 -10.79 -26.17
C LEU A 113 21.66 -9.52 -26.35
N TRP A 114 22.15 -8.39 -25.81
CA TRP A 114 21.43 -7.12 -25.88
C TRP A 114 21.23 -6.62 -27.31
N GLU A 115 22.12 -7.05 -28.21
CA GLU A 115 22.02 -6.64 -29.61
C GLU A 115 21.07 -7.53 -30.40
N ASP A 116 20.69 -8.65 -29.79
CA ASP A 116 19.78 -9.61 -30.45
C ASP A 116 18.35 -9.09 -30.48
N SER A 117 17.74 -9.09 -31.66
CA SER A 117 16.37 -8.61 -31.82
C SER A 117 15.33 -9.38 -31.02
N GLY A 118 15.62 -10.64 -30.72
CA GLY A 118 14.69 -11.45 -29.94
C GLY A 118 14.68 -11.00 -28.49
N ILE A 119 15.85 -10.63 -27.99
CA ILE A 119 16.03 -10.15 -26.63
C ILE A 119 15.37 -8.79 -26.52
N GLN A 120 15.51 -7.98 -27.57
CA GLN A 120 14.90 -6.65 -27.63
C GLN A 120 13.38 -6.77 -27.66
N ASN A 121 12.88 -7.78 -28.39
CA ASN A 121 11.44 -8.02 -28.48
C ASN A 121 10.94 -8.47 -27.12
N ALA A 122 11.75 -9.27 -26.43
CA ALA A 122 11.37 -9.73 -25.10
C ALA A 122 11.25 -8.52 -24.17
N TYR A 123 12.23 -7.60 -24.25
CA TYR A 123 12.20 -6.41 -23.40
C TYR A 123 10.94 -5.57 -23.63
N ASP A 124 10.55 -5.41 -24.90
CA ASP A 124 9.36 -4.63 -25.23
C ASP A 124 8.08 -5.25 -24.69
N ARG A 125 8.13 -6.55 -24.39
CA ARG A 125 6.97 -7.26 -23.87
C ARG A 125 7.10 -7.54 -22.37
N ARG A 126 7.98 -6.79 -21.69
CA ARG A 126 8.21 -6.97 -20.25
C ARG A 126 6.98 -6.88 -19.36
N ARG A 127 5.88 -6.31 -19.88
CA ARG A 127 4.67 -6.24 -19.06
C ARG A 127 4.15 -7.66 -18.81
N GLU A 128 4.55 -8.59 -19.67
CA GLU A 128 4.12 -9.98 -19.51
C GLU A 128 4.91 -10.71 -18.41
N PHE A 129 5.94 -10.04 -17.88
CA PHE A 129 6.70 -10.62 -16.77
C PHE A 129 7.10 -9.51 -15.80
N GLN A 130 8.27 -9.60 -15.17
CA GLN A 130 8.70 -8.58 -14.23
C GLN A 130 10.14 -8.13 -14.51
N LEU A 131 10.32 -6.85 -14.83
CA LEU A 131 11.64 -6.31 -15.12
C LEU A 131 11.63 -4.78 -15.13
N GLY A 132 12.52 -4.16 -14.35
CA GLY A 132 12.57 -2.71 -14.30
C GLY A 132 13.32 -2.08 -15.45
N GLU A 133 12.85 -0.91 -15.92
CA GLU A 133 13.50 -0.24 -17.04
C GLU A 133 14.93 0.24 -16.79
N SER A 134 15.39 0.25 -15.54
CA SER A 134 16.76 0.68 -15.27
C SER A 134 17.72 -0.35 -15.86
N VAL A 135 17.25 -1.58 -16.02
CA VAL A 135 18.08 -2.62 -16.61
C VAL A 135 18.43 -2.18 -18.03
N LYS A 136 17.47 -1.57 -18.74
CA LYS A 136 17.76 -1.12 -20.10
C LYS A 136 18.80 0.02 -20.04
N TYR A 137 18.68 0.88 -19.03
CA TYR A 137 19.62 1.98 -18.87
C TYR A 137 21.06 1.45 -18.75
N PHE A 138 21.27 0.42 -17.93
CA PHE A 138 22.62 -0.10 -17.79
C PHE A 138 23.08 -0.92 -19.01
N LEU A 139 22.18 -1.64 -19.64
CA LEU A 139 22.54 -2.43 -20.82
C LEU A 139 22.96 -1.49 -21.96
N ASP A 140 22.39 -0.30 -22.00
CA ASP A 140 22.76 0.68 -23.03
C ASP A 140 24.04 1.43 -22.64
N ASN A 141 24.60 1.11 -21.47
CA ASN A 141 25.83 1.76 -21.03
C ASN A 141 26.89 0.73 -20.66
N LEU A 142 26.85 -0.42 -21.34
CA LEU A 142 27.79 -1.48 -21.07
C LEU A 142 29.24 -1.07 -21.29
N ASP A 143 29.46 -0.14 -22.22
CA ASP A 143 30.83 0.31 -22.49
C ASP A 143 31.47 0.96 -21.27
N LYS A 144 30.73 1.82 -20.58
CA LYS A 144 31.33 2.46 -19.41
C LYS A 144 31.36 1.53 -18.20
N LEU A 145 30.41 0.61 -18.11
CA LEU A 145 30.40 -0.34 -16.98
C LEU A 145 31.53 -1.34 -17.14
N GLY A 146 31.92 -1.60 -18.39
CA GLY A 146 32.97 -2.57 -18.65
C GLY A 146 34.40 -2.11 -18.43
N VAL A 147 34.62 -0.80 -18.37
CA VAL A 147 35.96 -0.28 -18.16
C VAL A 147 36.48 -0.75 -16.79
N PRO A 148 37.75 -1.17 -16.73
CA PRO A 148 38.37 -1.64 -15.47
C PRO A 148 38.18 -0.76 -14.24
N ASP A 149 38.31 0.56 -14.40
CA ASP A 149 38.16 1.46 -13.26
C ASP A 149 36.82 2.18 -13.22
N TYR A 150 35.74 1.49 -13.58
CA TYR A 150 34.41 2.08 -13.57
C TYR A 150 33.99 2.54 -12.18
N ILE A 151 33.57 3.79 -12.08
CA ILE A 151 33.08 4.34 -10.83
C ILE A 151 31.69 4.87 -11.18
N PRO A 152 30.63 4.30 -10.58
CA PRO A 152 29.26 4.73 -10.86
C PRO A 152 29.09 6.25 -10.72
N SER A 153 28.38 6.84 -11.68
CA SER A 153 28.12 8.27 -11.64
C SER A 153 26.91 8.51 -10.72
N GLN A 154 26.61 9.76 -10.44
CA GLN A 154 25.46 10.10 -9.59
C GLN A 154 24.20 9.53 -10.22
N GLN A 155 24.07 9.68 -11.53
CA GLN A 155 22.91 9.19 -12.24
C GLN A 155 22.82 7.66 -12.12
N ASP A 156 23.95 6.97 -12.25
CA ASP A 156 23.98 5.52 -12.12
C ASP A 156 23.46 5.07 -10.75
N ILE A 157 23.90 5.77 -9.70
CA ILE A 157 23.51 5.47 -8.32
C ILE A 157 22.01 5.63 -8.09
N LEU A 158 21.42 6.60 -8.77
CA LEU A 158 19.99 6.87 -8.67
C LEU A 158 19.18 5.78 -9.36
N LEU A 159 19.74 5.22 -10.43
CA LEU A 159 19.07 4.17 -11.17
C LEU A 159 19.27 2.77 -10.61
N ALA A 160 20.34 2.59 -9.82
CA ALA A 160 20.65 1.30 -9.21
C ALA A 160 19.45 0.83 -8.40
N ARG A 161 19.07 -0.42 -8.60
CA ARG A 161 17.90 -0.99 -7.94
C ARG A 161 18.14 -2.03 -6.84
N ARG A 162 17.47 -1.82 -5.71
CA ARG A 162 17.52 -2.75 -4.59
C ARG A 162 16.21 -2.58 -3.81
N PRO A 163 15.44 -3.67 -3.63
CA PRO A 163 14.18 -3.58 -2.89
C PRO A 163 14.49 -3.27 -1.43
N THR A 164 13.74 -2.34 -0.85
CA THR A 164 13.96 -1.93 0.54
C THR A 164 13.30 -2.82 1.57
N LYS A 165 14.08 -3.15 2.60
CA LYS A 165 13.62 -3.98 3.70
C LYS A 165 13.88 -3.17 4.97
N GLY A 166 12.95 -3.20 5.91
CA GLY A 166 13.14 -2.44 7.14
C GLY A 166 12.84 -0.96 6.98
N ILE A 167 13.09 -0.21 8.05
CA ILE A 167 12.83 1.21 8.09
C ILE A 167 14.16 1.97 8.07
N HIS A 168 14.24 3.00 7.23
CA HIS A 168 15.45 3.79 7.11
C HIS A 168 15.15 5.27 7.24
N GLU A 169 16.04 5.98 7.91
CA GLU A 169 15.85 7.42 8.10
C GLU A 169 17.06 8.19 7.58
N TYR A 170 16.79 9.39 7.08
CA TYR A 170 17.86 10.27 6.61
C TYR A 170 17.49 11.65 7.12
N ASP A 171 18.42 12.25 7.87
CA ASP A 171 18.19 13.57 8.44
C ASP A 171 18.99 14.63 7.68
N PHE A 172 18.39 15.79 7.48
CA PHE A 172 19.07 16.89 6.81
C PHE A 172 18.50 18.22 7.27
N GLU A 173 19.12 19.32 6.85
CA GLU A 173 18.66 20.64 7.25
C GLU A 173 18.50 21.55 6.04
N ILE A 174 17.50 22.42 6.09
CA ILE A 174 17.25 23.39 5.03
C ILE A 174 16.96 24.73 5.68
N LYS A 175 17.89 25.68 5.55
CA LYS A 175 17.74 27.00 6.14
C LYS A 175 17.36 26.96 7.64
N ASN A 176 18.19 26.29 8.44
CA ASN A 176 17.96 26.19 9.87
C ASN A 176 16.71 25.42 10.27
N VAL A 177 16.17 24.64 9.34
CA VAL A 177 14.98 23.83 9.61
C VAL A 177 15.37 22.36 9.49
N PRO A 178 15.30 21.61 10.60
CA PRO A 178 15.65 20.19 10.62
C PRO A 178 14.59 19.28 10.01
N PHE A 179 15.02 18.35 9.16
CA PHE A 179 14.11 17.40 8.53
C PHE A 179 14.57 15.98 8.78
N LYS A 180 13.59 15.09 8.91
CA LYS A 180 13.86 13.66 9.07
C LYS A 180 12.96 12.97 8.07
N MET A 181 13.56 12.26 7.13
CA MET A 181 12.76 11.58 6.12
C MET A 181 12.85 10.08 6.35
N VAL A 182 11.70 9.43 6.36
CA VAL A 182 11.64 8.00 6.58
C VAL A 182 11.27 7.25 5.31
N ASP A 183 12.06 6.22 5.01
CA ASP A 183 11.86 5.38 3.83
C ASP A 183 11.52 3.96 4.34
N VAL A 184 10.57 3.30 3.67
CA VAL A 184 10.17 1.94 4.04
C VAL A 184 9.93 1.14 2.77
N GLY A 185 9.84 -0.19 2.92
CA GLY A 185 9.61 -1.03 1.76
C GLY A 185 8.15 -0.96 1.36
N GLY A 186 7.87 -0.97 0.06
CA GLY A 186 6.51 -0.89 -0.41
C GLY A 186 5.90 -2.19 -0.92
N GLN A 187 6.71 -3.24 -1.09
CA GLN A 187 6.13 -4.50 -1.54
C GLN A 187 5.32 -5.04 -0.38
N ARG A 188 4.29 -5.83 -0.69
CA ARG A 188 3.36 -6.33 0.34
C ARG A 188 3.92 -6.80 1.68
N SER A 189 4.84 -7.76 1.67
CA SER A 189 5.35 -8.27 2.94
C SER A 189 6.10 -7.25 3.80
N GLU A 190 6.50 -6.12 3.22
CA GLU A 190 7.20 -5.11 3.99
C GLU A 190 6.27 -4.07 4.63
N ARG A 191 5.04 -3.98 4.12
CA ARG A 191 4.09 -3.02 4.63
C ARG A 191 3.70 -3.26 6.09
N LYS A 192 4.03 -4.42 6.62
CA LYS A 192 3.71 -4.71 8.02
C LYS A 192 4.55 -3.83 8.94
N ARG A 193 5.55 -3.16 8.39
CA ARG A 193 6.42 -2.29 9.18
C ARG A 193 5.95 -0.84 9.21
N TRP A 194 5.00 -0.50 8.34
CA TRP A 194 4.52 0.88 8.27
C TRP A 194 3.95 1.44 9.57
N PHE A 195 3.19 0.62 10.27
CA PHE A 195 2.53 1.10 11.50
C PHE A 195 3.48 1.71 12.54
N GLU A 196 4.75 1.32 12.50
CA GLU A 196 5.76 1.82 13.44
C GLU A 196 6.33 3.19 13.07
N CYS A 197 6.04 3.67 11.86
CA CYS A 197 6.60 4.94 11.39
C CYS A 197 5.75 6.20 11.47
N PHE A 198 4.55 6.12 12.03
CA PHE A 198 3.70 7.30 12.07
C PHE A 198 3.77 8.21 13.30
N ASP A 199 4.64 7.91 14.25
CA ASP A 199 4.75 8.76 15.44
C ASP A 199 5.36 10.12 15.10
N SER A 200 4.60 11.18 15.38
CA SER A 200 5.06 12.55 15.13
C SER A 200 5.28 12.89 13.66
N VAL A 201 4.62 12.16 12.77
CA VAL A 201 4.78 12.43 11.34
C VAL A 201 4.09 13.74 10.98
N THR A 202 4.82 14.58 10.26
CA THR A 202 4.31 15.88 9.84
C THR A 202 3.65 15.77 8.48
N SER A 203 4.24 14.98 7.60
CA SER A 203 3.70 14.85 6.26
C SER A 203 4.04 13.51 5.63
N ILE A 204 3.17 13.06 4.73
CA ILE A 204 3.35 11.80 4.01
C ILE A 204 3.52 12.12 2.52
N LEU A 205 4.59 11.63 1.92
CA LEU A 205 4.77 11.82 0.49
C LEU A 205 4.37 10.47 -0.08
N PHE A 206 3.26 10.44 -0.82
CA PHE A 206 2.79 9.19 -1.39
C PHE A 206 3.23 9.06 -2.84
N LEU A 207 4.15 8.15 -3.10
CA LEU A 207 4.65 7.96 -4.45
C LEU A 207 3.88 6.92 -5.26
N VAL A 208 3.70 7.23 -6.54
CA VAL A 208 3.01 6.35 -7.46
C VAL A 208 3.77 6.32 -8.77
N SER A 209 4.00 5.13 -9.32
CA SER A 209 4.67 5.05 -10.62
C SER A 209 3.54 5.33 -11.60
N SER A 210 3.57 6.50 -12.23
CA SER A 210 2.51 6.87 -13.16
C SER A 210 2.50 6.00 -14.43
N SER A 211 3.60 5.29 -14.67
CA SER A 211 3.71 4.44 -15.86
C SER A 211 3.36 2.97 -15.64
N GLU A 212 2.80 2.62 -14.48
CA GLU A 212 2.48 1.23 -14.15
C GLU A 212 1.08 0.73 -14.55
N PHE A 213 0.26 1.56 -15.18
CA PHE A 213 -1.09 1.15 -15.54
C PHE A 213 -1.23 -0.12 -16.40
N ASP A 214 -0.19 -0.50 -17.12
CA ASP A 214 -0.24 -1.68 -17.96
C ASP A 214 0.51 -2.86 -17.32
N GLN A 215 0.83 -2.74 -16.05
CA GLN A 215 1.57 -3.79 -15.35
C GLN A 215 0.80 -4.43 -14.19
N VAL A 216 1.27 -5.60 -13.79
CA VAL A 216 0.70 -6.33 -12.67
C VAL A 216 1.76 -6.42 -11.57
N LEU A 217 1.32 -6.71 -10.35
CA LEU A 217 2.22 -6.82 -9.21
C LEU A 217 3.25 -7.92 -9.33
N MET A 218 4.40 -7.69 -8.69
CA MET A 218 5.48 -8.67 -8.64
C MET A 218 5.01 -9.74 -7.63
N GLU A 219 4.36 -9.30 -6.56
CA GLU A 219 3.88 -10.18 -5.50
C GLU A 219 2.95 -11.30 -5.96
N ASP A 220 2.01 -10.95 -6.82
CA ASP A 220 1.07 -11.90 -7.40
C ASP A 220 0.78 -11.33 -8.77
N ARG A 221 1.52 -11.83 -9.76
CA ARG A 221 1.44 -11.38 -11.14
C ARG A 221 0.02 -11.45 -11.70
N GLN A 222 -0.91 -10.78 -11.03
CA GLN A 222 -2.30 -10.78 -11.46
C GLN A 222 -2.98 -9.43 -11.18
N THR A 223 -2.73 -8.85 -10.01
CA THR A 223 -3.32 -7.58 -9.64
C THR A 223 -2.69 -6.42 -10.39
N ASN A 224 -3.51 -5.55 -10.95
CA ASN A 224 -2.99 -4.42 -11.69
C ASN A 224 -2.22 -3.47 -10.75
N ARG A 225 -1.03 -3.05 -11.15
CA ARG A 225 -0.23 -2.17 -10.31
C ARG A 225 -0.90 -0.84 -9.94
N LEU A 226 -1.60 -0.21 -10.90
CA LEU A 226 -2.27 1.04 -10.61
C LEU A 226 -3.39 0.80 -9.60
N THR A 227 -4.11 -0.31 -9.76
CA THR A 227 -5.19 -0.65 -8.85
C THR A 227 -4.63 -0.81 -7.42
N GLU A 228 -3.48 -1.45 -7.31
CA GLU A 228 -2.86 -1.64 -6.00
C GLU A 228 -2.52 -0.28 -5.37
N SER A 229 -1.92 0.62 -6.14
CA SER A 229 -1.56 1.95 -5.64
C SER A 229 -2.79 2.72 -5.17
N LEU A 230 -3.87 2.62 -5.94
CA LEU A 230 -5.12 3.29 -5.59
C LEU A 230 -5.69 2.75 -4.28
N ASN A 231 -5.63 1.43 -4.11
CA ASN A 231 -6.15 0.81 -2.89
C ASN A 231 -5.34 1.15 -1.66
N ILE A 232 -4.02 1.26 -1.80
CA ILE A 232 -3.18 1.63 -0.67
C ILE A 232 -3.45 3.08 -0.29
N PHE A 233 -3.52 3.95 -1.30
CA PHE A 233 -3.77 5.37 -1.07
C PHE A 233 -5.10 5.55 -0.34
N GLU A 234 -6.09 4.80 -0.79
CA GLU A 234 -7.43 4.85 -0.20
C GLU A 234 -7.41 4.54 1.31
N THR A 235 -6.63 3.55 1.72
CA THR A 235 -6.61 3.23 3.15
C THR A 235 -5.84 4.25 3.97
N ILE A 236 -4.78 4.82 3.40
CA ILE A 236 -4.01 5.83 4.12
C ILE A 236 -4.77 7.15 4.24
N VAL A 237 -5.23 7.67 3.10
CA VAL A 237 -5.91 8.97 3.07
C VAL A 237 -7.24 9.04 3.81
N ASN A 238 -7.91 7.90 3.99
CA ASN A 238 -9.18 7.91 4.69
C ASN A 238 -9.07 7.50 6.16
N ASN A 239 -7.85 7.24 6.64
CA ASN A 239 -7.64 6.87 8.02
C ASN A 239 -7.70 8.13 8.88
N ARG A 240 -8.68 8.20 9.77
CA ARG A 240 -8.86 9.37 10.65
C ARG A 240 -7.64 9.69 11.49
N VAL A 241 -6.83 8.68 11.78
CA VAL A 241 -5.64 8.85 12.59
C VAL A 241 -4.63 9.82 11.95
N PHE A 242 -4.72 9.99 10.63
CA PHE A 242 -3.81 10.87 9.92
C PHE A 242 -4.49 12.17 9.52
N SER A 243 -5.58 12.51 10.19
CA SER A 243 -6.34 13.72 9.91
C SER A 243 -5.51 14.99 9.97
N ASN A 244 -4.53 15.02 10.85
CA ASN A 244 -3.67 16.20 11.01
C ASN A 244 -2.40 16.13 10.16
N VAL A 245 -2.22 15.03 9.43
CA VAL A 245 -1.03 14.88 8.60
C VAL A 245 -1.31 15.26 7.16
N SER A 246 -0.46 16.12 6.61
CA SER A 246 -0.62 16.57 5.23
C SER A 246 -0.14 15.47 4.28
N ILE A 247 -0.96 15.12 3.32
CA ILE A 247 -0.59 14.09 2.36
C ILE A 247 -0.36 14.71 0.99
N ILE A 248 0.78 14.39 0.39
CA ILE A 248 1.12 14.91 -0.93
C ILE A 248 1.35 13.76 -1.90
N LEU A 249 0.66 13.80 -3.03
CA LEU A 249 0.75 12.75 -4.03
C LEU A 249 1.79 13.06 -5.11
N PHE A 250 2.69 12.12 -5.35
CA PHE A 250 3.69 12.26 -6.39
C PHE A 250 3.40 11.24 -7.49
N LEU A 251 3.05 11.73 -8.66
CA LEU A 251 2.83 10.84 -9.80
C LEU A 251 4.21 10.82 -10.43
N ASN A 252 5.01 9.87 -9.95
CA ASN A 252 6.40 9.72 -10.37
C ASN A 252 6.59 8.95 -11.70
N LYS A 253 7.82 8.94 -12.19
CA LYS A 253 8.15 8.27 -13.45
C LYS A 253 7.40 8.90 -14.61
N THR A 254 7.30 10.23 -14.58
CA THR A 254 6.62 10.99 -15.62
C THR A 254 7.31 10.75 -16.95
N ASP A 255 8.64 10.68 -16.90
CA ASP A 255 9.45 10.45 -18.09
C ASP A 255 9.09 9.13 -18.76
N LEU A 256 8.82 8.10 -17.96
CA LEU A 256 8.46 6.80 -18.50
C LEU A 256 7.04 6.81 -19.06
N LEU A 257 6.16 7.58 -18.42
CA LEU A 257 4.78 7.65 -18.87
C LEU A 257 4.71 8.35 -20.23
N GLU A 258 5.55 9.36 -20.42
CA GLU A 258 5.60 10.10 -21.67
C GLU A 258 5.97 9.17 -22.83
N GLU A 259 6.90 8.26 -22.57
CA GLU A 259 7.34 7.32 -23.60
C GLU A 259 6.36 6.16 -23.77
N LYS A 260 5.66 5.79 -22.70
CA LYS A 260 4.73 4.68 -22.75
C LYS A 260 3.40 4.97 -23.45
N VAL A 261 2.84 6.17 -23.24
CA VAL A 261 1.58 6.51 -23.86
C VAL A 261 1.65 6.52 -25.39
N GLN A 262 2.86 6.39 -25.93
CA GLN A 262 3.05 6.38 -27.37
C GLN A 262 3.00 4.98 -27.96
N VAL A 263 3.08 3.97 -27.10
CA VAL A 263 3.05 2.58 -27.55
C VAL A 263 1.96 1.73 -26.88
N VAL A 264 1.37 2.25 -25.82
CA VAL A 264 0.34 1.51 -25.08
C VAL A 264 -0.83 2.42 -24.69
N SER A 265 -2.05 1.91 -24.80
CA SER A 265 -3.23 2.70 -24.44
C SER A 265 -3.75 2.31 -23.07
N ILE A 266 -3.91 3.30 -22.19
CA ILE A 266 -4.40 3.04 -20.84
C ILE A 266 -5.85 2.57 -20.90
N LYS A 267 -6.54 2.95 -21.98
CA LYS A 267 -7.93 2.59 -22.19
C LYS A 267 -8.11 1.07 -22.14
N ASP A 268 -7.11 0.33 -22.60
CA ASP A 268 -7.18 -1.12 -22.59
C ASP A 268 -7.14 -1.72 -21.19
N TYR A 269 -6.70 -0.94 -20.20
CA TYR A 269 -6.62 -1.44 -18.84
C TYR A 269 -7.66 -0.78 -17.94
N PHE A 270 -8.02 0.46 -18.28
CA PHE A 270 -9.05 1.18 -17.53
C PHE A 270 -10.05 1.79 -18.50
N LEU A 271 -11.16 1.07 -18.69
CA LEU A 271 -12.22 1.49 -19.61
C LEU A 271 -12.76 2.89 -19.38
N GLU A 272 -12.89 3.30 -18.12
CA GLU A 272 -13.42 4.61 -17.80
C GLU A 272 -12.62 5.79 -18.36
N PHE A 273 -11.49 5.51 -18.99
CA PHE A 273 -10.68 6.57 -19.58
C PHE A 273 -11.34 7.04 -20.87
N GLU A 274 -11.58 8.35 -20.96
CA GLU A 274 -12.19 8.92 -22.15
C GLU A 274 -11.42 10.14 -22.64
N GLY A 275 -10.37 9.88 -23.42
CA GLY A 275 -9.53 10.93 -23.97
C GLY A 275 -8.54 10.36 -24.95
N ASP A 276 -7.49 11.11 -25.26
CA ASP A 276 -6.47 10.64 -26.21
C ASP A 276 -5.40 9.82 -25.49
N PRO A 277 -5.41 8.50 -25.70
CA PRO A 277 -4.43 7.59 -25.07
C PRO A 277 -2.98 7.95 -25.37
N HIS A 278 -2.73 8.63 -26.47
CA HIS A 278 -1.37 9.02 -26.83
C HIS A 278 -0.98 10.38 -26.28
N CYS A 279 -1.91 11.02 -25.56
CA CYS A 279 -1.65 12.34 -24.99
C CYS A 279 -1.29 12.28 -23.50
N LEU A 280 -0.06 12.67 -23.19
CA LEU A 280 0.42 12.66 -21.81
C LEU A 280 -0.50 13.40 -20.83
N ARG A 281 -0.89 14.62 -21.16
CA ARG A 281 -1.77 15.39 -20.27
C ARG A 281 -3.13 14.75 -20.02
N ASP A 282 -3.68 14.08 -21.04
CA ASP A 282 -4.97 13.43 -20.88
C ASP A 282 -4.87 12.28 -19.87
N VAL A 283 -3.78 11.52 -19.93
CA VAL A 283 -3.59 10.41 -19.02
C VAL A 283 -3.27 10.87 -17.61
N GLN A 284 -2.47 11.92 -17.48
CA GLN A 284 -2.13 12.45 -16.17
C GLN A 284 -3.38 12.95 -15.47
N LYS A 285 -4.25 13.62 -16.22
CA LYS A 285 -5.48 14.13 -15.64
C LYS A 285 -6.34 12.97 -15.18
N PHE A 286 -6.32 11.89 -15.94
CA PHE A 286 -7.10 10.72 -15.57
C PHE A 286 -6.56 10.12 -14.27
N LEU A 287 -5.24 10.02 -14.16
CA LEU A 287 -4.61 9.46 -12.97
C LEU A 287 -4.94 10.27 -11.72
N VAL A 288 -4.86 11.60 -11.82
CA VAL A 288 -5.17 12.46 -10.68
C VAL A 288 -6.62 12.27 -10.26
N GLU A 289 -7.54 12.22 -11.22
CA GLU A 289 -8.96 12.03 -10.94
C GLU A 289 -9.17 10.74 -10.16
N CYS A 290 -8.48 9.68 -10.57
CA CYS A 290 -8.60 8.39 -9.90
C CYS A 290 -8.23 8.46 -8.42
N PHE A 291 -7.12 9.12 -8.12
CA PHE A 291 -6.71 9.22 -6.72
C PHE A 291 -7.61 10.17 -5.93
N ARG A 292 -8.02 11.27 -6.55
CA ARG A 292 -8.88 12.20 -5.84
C ARG A 292 -10.18 11.48 -5.47
N GLY A 293 -10.66 10.64 -6.38
CA GLY A 293 -11.88 9.91 -6.12
C GLY A 293 -11.83 8.86 -5.02
N LYS A 294 -10.63 8.54 -4.53
CA LYS A 294 -10.51 7.54 -3.47
C LYS A 294 -10.78 8.14 -2.11
N ARG A 295 -10.68 9.46 -2.01
CA ARG A 295 -10.90 10.15 -0.75
C ARG A 295 -12.39 10.31 -0.48
N ARG A 296 -12.81 9.89 0.71
CA ARG A 296 -14.22 10.02 1.07
C ARG A 296 -14.39 11.30 1.88
N ASP A 297 -14.47 12.42 1.17
CA ASP A 297 -14.62 13.74 1.75
C ASP A 297 -13.55 14.02 2.80
N PRO A 302 -8.16 19.03 0.19
CA PRO A 302 -7.17 19.55 -0.77
C PRO A 302 -6.14 18.48 -1.14
N LEU A 303 -6.14 18.10 -2.41
CA LEU A 303 -5.21 17.08 -2.89
C LEU A 303 -3.97 17.67 -3.53
N TYR A 304 -2.91 17.79 -2.74
CA TYR A 304 -1.65 18.31 -3.26
C TYR A 304 -1.04 17.23 -4.16
N HIS A 305 -0.59 17.60 -5.36
CA HIS A 305 0.00 16.61 -6.25
C HIS A 305 1.05 17.21 -7.17
N HIS A 306 2.01 16.37 -7.56
CA HIS A 306 3.09 16.78 -8.43
C HIS A 306 3.44 15.65 -9.40
N PHE A 307 3.87 16.02 -10.61
CA PHE A 307 4.28 15.04 -11.60
C PHE A 307 5.80 15.08 -11.47
N THR A 308 6.38 13.97 -11.04
CA THR A 308 7.82 13.94 -10.82
C THR A 308 8.56 12.87 -11.61
N THR A 309 9.87 13.02 -11.60
CA THR A 309 10.81 12.08 -12.21
C THR A 309 11.91 12.03 -11.14
N ALA A 310 11.79 11.08 -10.22
CA ALA A 310 12.74 10.93 -9.11
C ALA A 310 14.21 10.83 -9.48
N ILE A 311 14.50 10.34 -10.68
CA ILE A 311 15.90 10.22 -11.09
C ILE A 311 16.48 11.52 -11.65
N ASN A 312 15.62 12.52 -11.82
CA ASN A 312 16.05 13.82 -12.34
C ASN A 312 16.22 14.78 -11.17
N THR A 313 17.46 15.03 -10.81
CA THR A 313 17.79 15.91 -9.69
C THR A 313 17.18 17.30 -9.77
N GLU A 314 17.23 17.91 -10.95
CA GLU A 314 16.68 19.26 -11.13
C GLU A 314 15.18 19.26 -10.92
N ASN A 315 14.52 18.21 -11.38
CA ASN A 315 13.07 18.13 -11.19
C ASN A 315 12.75 18.02 -9.70
N ILE A 316 13.48 17.18 -8.98
CA ILE A 316 13.22 17.00 -7.56
C ILE A 316 13.56 18.22 -6.74
N ARG A 317 14.61 18.93 -7.16
CA ARG A 317 15.02 20.15 -6.45
C ARG A 317 13.86 21.14 -6.46
N LEU A 318 13.23 21.33 -7.61
CA LEU A 318 12.13 22.27 -7.66
C LEU A 318 10.82 21.74 -7.06
N VAL A 319 10.58 20.44 -7.16
CA VAL A 319 9.36 19.87 -6.57
C VAL A 319 9.43 19.95 -5.05
N PHE A 320 10.57 19.57 -4.48
CA PHE A 320 10.69 19.61 -3.02
C PHE A 320 10.62 21.02 -2.48
N ARG A 321 10.93 22.01 -3.32
CA ARG A 321 10.86 23.40 -2.93
C ARG A 321 9.38 23.70 -2.67
N ASP A 322 8.51 23.28 -3.59
CA ASP A 322 7.08 23.49 -3.44
C ASP A 322 6.54 22.68 -2.25
N VAL A 323 7.00 21.43 -2.12
CA VAL A 323 6.55 20.57 -1.03
C VAL A 323 6.89 21.22 0.32
N LYS A 324 8.12 21.68 0.45
CA LYS A 324 8.56 22.34 1.68
C LYS A 324 7.62 23.49 2.04
N ASP A 325 7.39 24.40 1.10
CA ASP A 325 6.52 25.54 1.36
C ASP A 325 5.11 25.10 1.76
N THR A 326 4.62 24.04 1.13
CA THR A 326 3.29 23.51 1.43
C THR A 326 3.22 22.97 2.86
N ILE A 327 4.22 22.18 3.23
CA ILE A 327 4.28 21.60 4.56
C ILE A 327 4.46 22.67 5.63
N LEU A 328 5.39 23.60 5.40
CA LEU A 328 5.66 24.65 6.36
C LEU A 328 4.54 25.68 6.49
N HIS A 329 3.46 25.51 5.73
CA HIS A 329 2.34 26.44 5.81
C HIS A 329 1.05 25.78 6.28
N ASP A 330 1.09 24.46 6.44
CA ASP A 330 -0.08 23.72 6.90
C ASP A 330 -0.10 23.67 8.43
N LEU B 2 6.55 -19.61 -17.12
CA LEU B 2 6.33 -18.58 -16.06
C LEU B 2 7.15 -17.33 -16.33
N ILE B 3 8.47 -17.51 -16.22
CA ILE B 3 9.50 -16.49 -16.41
C ILE B 3 10.02 -16.05 -15.05
N ILE B 4 11.30 -16.30 -14.80
CA ILE B 4 11.91 -15.95 -13.54
C ILE B 4 11.87 -14.45 -13.24
N GLY B 5 11.81 -14.11 -11.96
CA GLY B 5 11.79 -12.71 -11.56
C GLY B 5 13.20 -12.23 -11.27
N PRO B 6 13.43 -10.91 -11.24
CA PRO B 6 14.77 -10.38 -10.98
C PRO B 6 15.16 -10.29 -9.50
N GLU B 7 14.21 -10.52 -8.60
CA GLU B 7 14.47 -10.44 -7.16
C GLU B 7 13.84 -11.61 -6.41
N GLU B 8 14.34 -12.82 -6.70
CA GLU B 8 13.83 -14.07 -6.11
C GLU B 8 13.97 -14.20 -4.60
N ASP B 9 14.70 -13.29 -3.99
CA ASP B 9 14.92 -13.30 -2.55
C ASP B 9 13.68 -12.83 -1.79
N TYR B 10 12.66 -12.35 -2.52
CA TYR B 10 11.44 -11.86 -1.88
C TYR B 10 10.72 -12.92 -1.05
N ASP B 11 10.34 -12.56 0.18
CA ASP B 11 9.63 -13.48 1.05
C ASP B 11 8.23 -12.93 1.26
N PRO B 12 7.19 -13.68 0.86
CA PRO B 12 5.82 -13.22 1.01
C PRO B 12 5.41 -13.21 2.49
N GLY B 13 6.22 -13.87 3.30
CA GLY B 13 5.94 -13.93 4.73
C GLY B 13 4.81 -14.88 5.07
N ASN B 17 -4.00 -18.26 8.21
CA ASN B 17 -5.07 -18.93 7.48
C ASN B 17 -6.33 -19.00 8.33
N GLU B 18 -6.16 -19.36 9.61
CA GLU B 18 -7.27 -19.43 10.54
C GLU B 18 -7.89 -18.04 10.58
N SER B 19 -7.02 -17.05 10.67
CA SER B 19 -7.41 -15.64 10.72
C SER B 19 -8.43 -15.26 9.66
N ASP B 20 -8.12 -15.54 8.40
CA ASP B 20 -9.03 -15.20 7.31
C ASP B 20 -10.46 -15.66 7.61
N ILE B 21 -10.61 -16.94 7.89
CA ILE B 21 -11.91 -17.53 8.18
C ILE B 21 -12.67 -16.79 9.27
N ILE B 22 -11.96 -16.33 10.29
CA ILE B 22 -12.60 -15.60 11.39
C ILE B 22 -13.07 -14.21 10.96
N PHE B 23 -12.22 -13.47 10.26
CA PHE B 23 -12.54 -12.13 9.80
C PHE B 23 -13.63 -12.02 8.74
N GLN B 24 -13.96 -13.13 8.09
CA GLN B 24 -14.98 -13.09 7.04
C GLN B 24 -16.42 -13.32 7.50
N ASP B 25 -16.58 -13.90 8.69
CA ASP B 25 -17.92 -14.18 9.21
C ASP B 25 -18.16 -13.48 10.55
N LEU B 26 -19.08 -12.52 10.55
CA LEU B 26 -19.39 -11.78 11.76
C LEU B 26 -19.82 -12.71 12.88
N GLU B 27 -20.39 -13.85 12.50
CA GLU B 27 -20.85 -14.86 13.44
C GLU B 27 -19.72 -15.33 14.35
N LYS B 28 -18.61 -15.78 13.76
CA LYS B 28 -17.50 -16.26 14.59
C LYS B 28 -16.57 -15.11 14.97
N LEU B 29 -16.74 -13.96 14.33
CA LEU B 29 -15.93 -12.80 14.63
C LEU B 29 -16.41 -12.26 15.98
N LYS B 30 -17.72 -12.33 16.20
CA LYS B 30 -18.34 -11.88 17.45
C LYS B 30 -17.90 -12.77 18.60
N SER B 31 -17.58 -14.02 18.29
CA SER B 31 -17.16 -14.99 19.30
C SER B 31 -15.67 -14.89 19.61
N HIS B 32 -14.98 -14.02 18.88
CA HIS B 32 -13.55 -13.80 19.10
C HIS B 32 -13.33 -12.32 19.39
N PRO B 33 -13.53 -11.90 20.64
CA PRO B 33 -13.37 -10.51 21.07
C PRO B 33 -12.11 -9.81 20.60
N ALA B 34 -10.97 -10.50 20.64
CA ALA B 34 -9.71 -9.89 20.21
C ALA B 34 -9.79 -9.52 18.73
N TYR B 35 -10.36 -10.43 17.93
CA TYR B 35 -10.53 -10.20 16.50
C TYR B 35 -11.53 -9.10 16.24
N LEU B 36 -12.61 -9.09 17.02
CA LEU B 36 -13.64 -8.07 16.84
C LEU B 36 -13.08 -6.67 17.10
N VAL B 37 -12.25 -6.53 18.13
CA VAL B 37 -11.67 -5.23 18.43
C VAL B 37 -10.79 -4.73 17.28
N VAL B 38 -10.08 -5.63 16.61
CA VAL B 38 -9.25 -5.22 15.48
C VAL B 38 -10.18 -4.66 14.39
N PHE B 39 -11.28 -5.37 14.15
CA PHE B 39 -12.26 -4.92 13.15
C PHE B 39 -12.87 -3.59 13.60
N LEU B 40 -13.19 -3.49 14.88
CA LEU B 40 -13.76 -2.26 15.43
C LEU B 40 -12.79 -1.11 15.17
N ARG B 41 -11.52 -1.37 15.41
CA ARG B 41 -10.48 -0.38 15.20
C ARG B 41 -10.48 0.06 13.73
N TYR B 42 -10.67 -0.91 12.84
CA TYR B 42 -10.71 -0.61 11.41
C TYR B 42 -11.92 0.27 11.08
N ILE B 43 -13.09 -0.13 11.55
CA ILE B 43 -14.32 0.60 11.30
C ILE B 43 -14.24 2.04 11.80
N LEU B 44 -13.86 2.20 13.07
CA LEU B 44 -13.76 3.52 13.68
C LEU B 44 -12.77 4.45 12.99
N SER B 45 -11.75 3.88 12.35
CA SER B 45 -10.76 4.70 11.68
C SER B 45 -11.07 4.96 10.20
N GLN B 46 -11.59 3.94 9.53
CA GLN B 46 -11.86 4.01 8.09
C GLN B 46 -13.30 4.14 7.59
N ALA B 47 -14.29 3.83 8.41
CA ALA B 47 -15.65 3.89 7.89
C ALA B 47 -16.73 4.45 8.81
N ASP B 48 -17.97 4.18 8.42
CA ASP B 48 -19.13 4.61 9.19
C ASP B 48 -19.32 3.57 10.28
N PRO B 49 -19.19 3.98 11.55
CA PRO B 49 -19.34 3.06 12.69
C PRO B 49 -20.79 2.70 12.99
N GLY B 50 -21.71 3.49 12.44
CA GLY B 50 -23.13 3.27 12.69
C GLY B 50 -23.63 1.84 12.57
N PRO B 51 -23.51 1.24 11.37
CA PRO B 51 -23.97 -0.14 11.11
C PRO B 51 -23.54 -1.22 12.10
N LEU B 52 -22.24 -1.34 12.35
CA LEU B 52 -21.73 -2.34 13.27
C LEU B 52 -22.21 -2.12 14.70
N LEU B 53 -22.12 -0.87 15.15
CA LEU B 53 -22.54 -0.53 16.51
C LEU B 53 -24.03 -0.80 16.70
N PHE B 54 -24.84 -0.44 15.73
CA PHE B 54 -26.28 -0.68 15.84
C PHE B 54 -26.54 -2.18 15.93
N TYR B 55 -25.84 -2.94 15.10
CA TYR B 55 -26.00 -4.39 15.06
C TYR B 55 -25.67 -5.04 16.40
N LEU B 56 -24.51 -4.68 16.96
CA LEU B 56 -24.07 -5.24 18.23
C LEU B 56 -24.99 -4.89 19.40
N CYS B 57 -25.43 -3.63 19.47
CA CYS B 57 -26.33 -3.23 20.55
C CYS B 57 -27.66 -3.96 20.42
N SER B 58 -28.13 -4.11 19.19
CA SER B 58 -29.38 -4.80 18.92
C SER B 58 -29.26 -6.26 19.32
N GLU B 59 -28.06 -6.82 19.14
CA GLU B 59 -27.82 -8.21 19.48
C GLU B 59 -28.04 -8.39 20.97
N VAL B 60 -27.60 -7.42 21.77
CA VAL B 60 -27.75 -7.49 23.21
C VAL B 60 -29.23 -7.41 23.59
N TYR B 61 -29.97 -6.52 22.93
CA TYR B 61 -31.39 -6.38 23.19
C TYR B 61 -32.11 -7.71 22.94
N GLN B 62 -31.79 -8.34 21.82
CA GLN B 62 -32.39 -9.61 21.45
C GLN B 62 -32.09 -10.71 22.46
N GLN B 63 -30.94 -10.60 23.14
CA GLN B 63 -30.54 -11.61 24.11
C GLN B 63 -30.90 -11.24 25.56
N THR B 64 -31.62 -10.14 25.74
CA THR B 64 -32.00 -9.67 27.07
C THR B 64 -33.47 -9.93 27.36
N ASN B 65 -33.78 -10.23 28.62
CA ASN B 65 -35.16 -10.49 29.04
C ASN B 65 -36.04 -9.30 28.71
N PRO B 66 -37.21 -9.54 28.10
CA PRO B 66 -38.12 -8.45 27.76
C PRO B 66 -38.40 -7.57 28.96
N LYS B 67 -38.17 -8.11 30.15
CA LYS B 67 -38.41 -7.38 31.39
C LYS B 67 -37.28 -6.46 31.81
N ASP B 68 -36.11 -6.60 31.18
CA ASP B 68 -34.96 -5.74 31.52
C ASP B 68 -34.44 -4.99 30.30
N SER B 69 -35.12 -5.14 29.17
CA SER B 69 -34.69 -4.51 27.93
C SER B 69 -35.38 -3.20 27.54
N ARG B 70 -36.34 -2.74 28.32
CA ARG B 70 -37.06 -1.51 27.99
C ARG B 70 -36.16 -0.32 27.69
N SER B 71 -35.31 0.05 28.65
CA SER B 71 -34.41 1.18 28.47
C SER B 71 -33.39 1.00 27.36
N LEU B 72 -32.92 -0.23 27.16
CA LEU B 72 -31.94 -0.49 26.10
C LEU B 72 -32.58 -0.20 24.75
N GLY B 73 -33.79 -0.72 24.57
CA GLY B 73 -34.51 -0.49 23.33
C GLY B 73 -34.68 0.99 23.07
N LYS B 74 -34.89 1.77 24.13
CA LYS B 74 -35.07 3.21 24.00
C LYS B 74 -33.77 3.86 23.56
N ASP B 75 -32.65 3.38 24.10
CA ASP B 75 -31.33 3.92 23.78
C ASP B 75 -30.98 3.63 22.33
N ILE B 76 -31.27 2.40 21.88
CA ILE B 76 -30.99 2.02 20.51
C ILE B 76 -31.75 2.95 19.58
N TRP B 77 -33.02 3.18 19.90
CA TRP B 77 -33.82 4.07 19.07
C TRP B 77 -33.23 5.48 19.01
N ASN B 78 -33.04 6.10 20.17
CA ASN B 78 -32.49 7.46 20.22
C ASN B 78 -31.10 7.61 19.63
N ILE B 79 -30.29 6.56 19.71
CA ILE B 79 -28.93 6.61 19.18
C ILE B 79 -28.75 6.26 17.71
N PHE B 80 -29.50 5.27 17.22
CA PHE B 80 -29.35 4.85 15.84
C PHE B 80 -30.52 5.06 14.88
N LEU B 81 -31.74 5.16 15.40
CA LEU B 81 -32.91 5.30 14.52
C LEU B 81 -33.62 6.63 14.56
N GLU B 82 -33.55 7.32 15.68
CA GLU B 82 -34.20 8.63 15.83
C GLU B 82 -33.90 9.51 14.62
N LYS B 83 -34.82 10.44 14.32
CA LYS B 83 -34.65 11.34 13.20
C LYS B 83 -33.32 12.09 13.28
N ASN B 84 -33.01 12.61 14.47
CA ASN B 84 -31.77 13.34 14.68
C ASN B 84 -30.83 12.52 15.56
N ALA B 85 -30.65 11.26 15.20
CA ALA B 85 -29.78 10.35 15.94
C ALA B 85 -28.32 10.62 15.59
N PRO B 86 -27.44 10.63 16.59
CA PRO B 86 -26.01 10.87 16.40
C PRO B 86 -25.34 9.86 15.49
N LEU B 87 -25.71 8.59 15.63
CA LEU B 87 -25.15 7.51 14.83
C LEU B 87 -26.26 6.89 13.98
N ARG B 88 -27.10 7.74 13.38
CA ARG B 88 -28.21 7.27 12.57
C ARG B 88 -27.75 6.23 11.55
N VAL B 89 -28.52 5.15 11.46
CA VAL B 89 -28.20 4.07 10.53
C VAL B 89 -29.33 3.98 9.50
N LYS B 90 -29.00 3.61 8.28
CA LYS B 90 -29.97 3.50 7.21
C LYS B 90 -30.68 2.15 7.20
N ILE B 91 -32.00 2.17 7.32
CA ILE B 91 -32.79 0.95 7.28
C ILE B 91 -34.09 1.24 6.54
N PRO B 92 -34.69 0.19 5.95
CA PRO B 92 -35.95 0.35 5.20
C PRO B 92 -36.96 1.21 5.95
N GLU B 93 -37.66 2.09 5.22
CA GLU B 93 -38.66 2.96 5.81
C GLU B 93 -39.72 2.18 6.57
N MET B 94 -40.14 1.05 6.01
CA MET B 94 -41.16 0.22 6.62
C MET B 94 -40.74 -0.24 8.01
N LEU B 95 -39.51 -0.72 8.11
CA LEU B 95 -38.99 -1.20 9.37
C LEU B 95 -38.86 -0.12 10.44
N GLN B 96 -38.35 1.04 10.05
CA GLN B 96 -38.20 2.13 11.01
C GLN B 96 -39.56 2.54 11.55
N ALA B 97 -40.57 2.60 10.67
CA ALA B 97 -41.91 2.99 11.10
C ALA B 97 -42.50 1.96 12.07
N GLU B 98 -42.32 0.68 11.74
CA GLU B 98 -42.83 -0.42 12.57
C GLU B 98 -42.18 -0.49 13.94
N ILE B 99 -40.87 -0.24 13.99
CA ILE B 99 -40.14 -0.28 15.24
C ILE B 99 -40.62 0.85 16.15
N ASP B 100 -40.76 2.04 15.59
CA ASP B 100 -41.22 3.20 16.35
C ASP B 100 -42.62 2.92 16.90
N LEU B 101 -43.48 2.37 16.05
CA LEU B 101 -44.85 2.07 16.43
C LEU B 101 -44.94 1.08 17.59
N ARG B 102 -44.10 0.05 17.57
CA ARG B 102 -44.15 -0.95 18.64
C ARG B 102 -43.49 -0.46 19.92
N LEU B 103 -42.50 0.42 19.81
CA LEU B 103 -41.84 0.94 20.98
C LEU B 103 -42.76 1.92 21.70
N ARG B 104 -43.53 2.68 20.94
CA ARG B 104 -44.45 3.66 21.50
C ARG B 104 -45.69 3.02 22.12
N ASN B 105 -46.00 1.79 21.74
CA ASN B 105 -47.16 1.10 22.27
C ASN B 105 -46.75 -0.06 23.19
N ASN B 106 -45.47 -0.10 23.51
CA ASN B 106 -44.91 -1.13 24.39
C ASN B 106 -45.19 -2.56 23.92
N GLU B 107 -44.97 -2.83 22.64
CA GLU B 107 -45.18 -4.17 22.10
C GLU B 107 -43.81 -4.83 21.96
N ASP B 108 -43.79 -6.07 21.46
CA ASP B 108 -42.53 -6.80 21.27
C ASP B 108 -41.91 -6.34 19.96
N PRO B 109 -40.76 -5.64 20.03
CA PRO B 109 -40.07 -5.15 18.83
C PRO B 109 -38.98 -6.06 18.26
N ARG B 110 -38.73 -7.17 18.92
CA ARG B 110 -37.70 -8.12 18.52
C ARG B 110 -37.71 -8.58 17.07
N ASN B 111 -38.85 -9.02 16.57
CA ASN B 111 -38.93 -9.47 15.19
C ASN B 111 -38.59 -8.38 14.18
N VAL B 112 -39.15 -7.19 14.34
CA VAL B 112 -38.84 -6.11 13.40
C VAL B 112 -37.41 -5.60 13.59
N LEU B 113 -36.92 -5.66 14.83
CA LEU B 113 -35.56 -5.23 15.14
C LEU B 113 -34.60 -6.20 14.44
N CYS B 114 -34.94 -7.48 14.46
CA CYS B 114 -34.11 -8.50 13.81
C CYS B 114 -34.02 -8.22 12.32
N GLU B 115 -35.13 -7.80 11.72
CA GLU B 115 -35.16 -7.49 10.28
C GLU B 115 -34.29 -6.27 9.98
N ALA B 116 -34.23 -5.34 10.92
CA ALA B 116 -33.43 -4.14 10.75
C ALA B 116 -31.95 -4.54 10.79
N GLN B 117 -31.62 -5.49 11.68
CA GLN B 117 -30.26 -5.99 11.81
C GLN B 117 -29.82 -6.68 10.53
N GLU B 118 -30.72 -7.42 9.91
CA GLU B 118 -30.38 -8.10 8.67
C GLU B 118 -30.16 -7.09 7.54
N ALA B 119 -30.91 -6.00 7.56
CA ALA B 119 -30.76 -4.97 6.54
C ALA B 119 -29.38 -4.33 6.64
N VAL B 120 -28.98 -4.02 7.87
CA VAL B 120 -27.69 -3.40 8.12
C VAL B 120 -26.54 -4.37 7.82
N MET B 121 -26.82 -5.66 7.93
CA MET B 121 -25.84 -6.70 7.66
C MET B 121 -25.23 -6.55 6.26
N LEU B 122 -26.01 -6.02 5.32
CA LEU B 122 -25.54 -5.83 3.95
C LEU B 122 -24.33 -4.91 3.99
N GLU B 123 -24.48 -3.77 4.67
CA GLU B 123 -23.40 -2.80 4.79
C GLU B 123 -22.25 -3.37 5.61
N ILE B 124 -22.55 -4.06 6.70
CA ILE B 124 -21.50 -4.64 7.52
C ILE B 124 -20.66 -5.64 6.73
N GLN B 125 -21.30 -6.49 5.93
CA GLN B 125 -20.55 -7.47 5.16
C GLN B 125 -19.63 -6.76 4.17
N GLU B 126 -20.07 -5.61 3.66
CA GLU B 126 -19.26 -4.84 2.72
C GLU B 126 -18.01 -4.34 3.47
N GLN B 127 -18.19 -3.87 4.69
CA GLN B 127 -17.08 -3.38 5.48
C GLN B 127 -16.13 -4.51 5.83
N ILE B 128 -16.70 -5.70 6.06
CA ILE B 128 -15.89 -6.87 6.36
C ILE B 128 -15.03 -7.19 5.15
N ASN B 129 -15.64 -7.16 3.96
CA ASN B 129 -14.90 -7.47 2.75
C ASN B 129 -13.82 -6.41 2.49
N ASP B 130 -14.10 -5.16 2.86
CA ASP B 130 -13.11 -4.08 2.68
C ASP B 130 -11.90 -4.33 3.56
N TYR B 131 -12.14 -4.69 4.82
CA TYR B 131 -11.03 -4.96 5.71
C TYR B 131 -10.21 -6.15 5.22
N ARG B 132 -10.88 -7.18 4.70
CA ARG B 132 -10.17 -8.36 4.19
C ARG B 132 -9.23 -7.94 3.05
N SER B 133 -9.64 -6.94 2.26
CA SER B 133 -8.78 -6.48 1.17
C SER B 133 -7.57 -5.74 1.76
N LYS B 134 -7.76 -5.09 2.90
CA LYS B 134 -6.66 -4.37 3.54
C LYS B 134 -5.64 -5.40 4.06
N ARG B 135 -6.14 -6.53 4.54
CA ARG B 135 -5.26 -7.57 5.03
C ARG B 135 -4.47 -8.13 3.85
N THR B 136 -5.12 -8.19 2.69
CA THR B 136 -4.44 -8.69 1.49
C THR B 136 -3.34 -7.71 1.08
N LEU B 137 -3.56 -6.43 1.35
CA LEU B 137 -2.58 -5.40 1.04
C LEU B 137 -1.41 -5.48 2.03
N GLY B 138 -1.53 -6.36 3.02
CA GLY B 138 -0.49 -6.51 4.02
C GLY B 138 -0.50 -5.39 5.05
N LEU B 139 -1.67 -4.75 5.21
CA LEU B 139 -1.79 -3.64 6.14
C LEU B 139 -2.56 -3.92 7.44
N GLY B 140 -2.70 -5.19 7.78
CA GLY B 140 -3.42 -5.55 8.99
C GLY B 140 -2.83 -4.95 10.28
N SER B 141 -1.51 -4.81 10.32
CA SER B 141 -0.85 -4.28 11.51
C SER B 141 -1.24 -2.84 11.82
N LEU B 142 -1.75 -2.12 10.82
CA LEU B 142 -2.15 -0.73 11.03
C LEU B 142 -3.37 -0.68 11.94
N TYR B 143 -4.07 -1.81 12.04
CA TYR B 143 -5.27 -1.87 12.85
C TYR B 143 -5.14 -2.78 14.06
N GLY B 144 -3.90 -2.99 14.49
CA GLY B 144 -3.62 -3.80 15.66
C GLY B 144 -3.60 -5.32 15.55
N GLU B 145 -3.41 -5.86 14.35
CA GLU B 145 -3.39 -7.31 14.21
C GLU B 145 -2.23 -8.02 14.91
N ASN B 146 -1.15 -7.29 15.21
CA ASN B 146 -0.03 -7.93 15.88
C ASN B 146 -0.44 -8.54 17.22
N ASP B 147 -1.47 -7.96 17.85
CA ASP B 147 -1.96 -8.45 19.14
C ASP B 147 -2.59 -9.84 19.04
N LEU B 148 -2.84 -10.30 17.82
CA LEU B 148 -3.43 -11.62 17.62
C LEU B 148 -2.35 -12.63 17.22
N LEU B 149 -1.15 -12.12 16.93
CA LEU B 149 -0.03 -12.95 16.52
C LEU B 149 0.59 -13.74 17.68
N GLY B 150 -0.24 -14.15 18.63
CA GLY B 150 0.29 -14.89 19.76
C GLY B 150 -0.80 -15.61 20.54
N LEU B 151 -2.04 -15.42 20.12
CA LEU B 151 -3.18 -16.04 20.78
C LEU B 151 -3.27 -17.53 20.45
N ASP B 152 -3.64 -18.30 21.46
CA ASP B 152 -3.82 -19.74 21.30
C ASP B 152 -5.33 -19.99 21.35
N GLY B 153 -5.77 -21.15 20.90
CA GLY B 153 -7.19 -21.45 20.92
C GLY B 153 -7.76 -21.54 22.32
N ASP B 154 -7.84 -20.39 23.01
CA ASP B 154 -8.36 -20.34 24.38
C ASP B 154 -9.19 -19.08 24.64
N PRO B 155 -10.46 -19.26 25.02
CA PRO B 155 -11.42 -18.20 25.32
C PRO B 155 -10.95 -17.14 26.34
N LEU B 156 -10.56 -17.58 27.53
CA LEU B 156 -10.12 -16.66 28.57
C LEU B 156 -8.96 -15.78 28.10
N ARG B 157 -7.95 -16.41 27.51
CA ARG B 157 -6.79 -15.69 27.00
C ARG B 157 -7.22 -14.61 26.02
N GLU B 158 -8.22 -14.92 25.20
CA GLU B 158 -8.68 -13.96 24.21
C GLU B 158 -9.44 -12.79 24.83
N ARG B 159 -10.44 -13.07 25.66
CA ARG B 159 -11.19 -11.99 26.28
C ARG B 159 -10.25 -11.15 27.15
N GLN B 160 -9.11 -11.74 27.50
CA GLN B 160 -8.09 -11.06 28.30
C GLN B 160 -7.45 -10.00 27.41
N MET B 161 -7.06 -10.41 26.21
CA MET B 161 -6.45 -9.52 25.24
C MET B 161 -7.46 -8.46 24.83
N ALA B 162 -8.72 -8.87 24.73
CA ALA B 162 -9.80 -7.97 24.35
C ALA B 162 -9.75 -6.70 25.19
N GLU B 163 -9.63 -6.88 26.51
CA GLU B 163 -9.54 -5.73 27.41
C GLU B 163 -8.07 -5.36 27.59
N LYS B 164 -7.57 -4.58 26.64
CA LYS B 164 -6.18 -4.13 26.61
C LYS B 164 -6.08 -3.40 25.28
N GLN B 165 -6.78 -3.96 24.29
CA GLN B 165 -6.85 -3.37 22.96
C GLN B 165 -8.01 -2.40 23.09
N LEU B 166 -9.03 -2.85 23.82
CA LEU B 166 -10.24 -2.09 24.08
C LEU B 166 -9.90 -0.79 24.79
N ALA B 167 -8.95 -0.87 25.72
CA ALA B 167 -8.52 0.31 26.48
C ALA B 167 -7.77 1.28 25.58
N ALA B 168 -7.03 0.73 24.62
CA ALA B 168 -6.24 1.55 23.70
C ALA B 168 -7.06 2.23 22.62
N LEU B 169 -8.33 1.85 22.47
CA LEU B 169 -9.19 2.44 21.45
C LEU B 169 -9.44 3.93 21.62
N GLY B 170 -9.25 4.43 22.85
CA GLY B 170 -9.47 5.84 23.11
C GLY B 170 -8.82 6.77 22.10
N ASP B 171 -7.65 6.37 21.61
CA ASP B 171 -6.91 7.17 20.63
C ASP B 171 -7.69 7.45 19.36
N ILE B 172 -8.63 6.57 19.01
CA ILE B 172 -9.43 6.75 17.81
C ILE B 172 -10.72 7.47 18.16
N LEU B 173 -11.31 7.12 19.30
CA LEU B 173 -12.55 7.74 19.75
C LEU B 173 -12.33 9.22 20.05
N SER B 174 -11.08 9.59 20.32
CA SER B 174 -10.74 10.98 20.62
C SER B 174 -10.78 11.83 19.36
N LYS B 175 -10.65 11.18 18.21
CA LYS B 175 -10.68 11.88 16.93
C LYS B 175 -12.13 12.27 16.61
N TYR B 176 -13.04 11.86 17.47
CA TYR B 176 -14.47 12.15 17.29
C TYR B 176 -14.95 13.23 18.25
N GLU B 177 -16.04 13.88 17.88
CA GLU B 177 -16.62 14.93 18.70
C GLU B 177 -17.52 14.28 19.73
N GLU B 178 -17.62 14.91 20.90
CA GLU B 178 -18.45 14.41 22.00
C GLU B 178 -19.81 13.89 21.56
N ASP B 179 -20.49 14.64 20.69
CA ASP B 179 -21.81 14.26 20.21
C ASP B 179 -21.83 12.90 19.51
N ARG B 180 -20.64 12.35 19.24
CA ARG B 180 -20.54 11.06 18.58
C ARG B 180 -19.71 10.06 19.37
N SER B 181 -18.63 10.54 19.99
CA SER B 181 -17.78 9.65 20.78
C SER B 181 -18.54 9.10 21.99
N ALA B 182 -19.33 9.96 22.63
CA ALA B 182 -20.10 9.55 23.80
C ALA B 182 -21.04 8.38 23.49
N PRO B 183 -21.86 8.49 22.44
CA PRO B 183 -22.76 7.38 22.12
C PRO B 183 -22.02 6.13 21.63
N MET B 184 -20.91 6.34 20.93
CA MET B 184 -20.13 5.21 20.42
C MET B 184 -19.56 4.41 21.58
N ASP B 185 -19.01 5.11 22.56
CA ASP B 185 -18.44 4.45 23.73
C ASP B 185 -19.53 3.61 24.37
N PHE B 186 -20.69 4.22 24.58
CA PHE B 186 -21.82 3.52 25.19
C PHE B 186 -22.18 2.27 24.40
N ALA B 187 -22.07 2.35 23.08
CA ALA B 187 -22.39 1.22 22.22
C ALA B 187 -21.39 0.08 22.41
N VAL B 188 -20.10 0.40 22.32
CA VAL B 188 -19.05 -0.59 22.49
C VAL B 188 -19.15 -1.31 23.83
N ASN B 189 -19.18 -0.53 24.91
CA ASN B 189 -19.26 -1.09 26.24
C ASN B 189 -20.47 -1.98 26.44
N THR B 190 -21.59 -1.63 25.80
CA THR B 190 -22.79 -2.43 25.93
C THR B 190 -22.56 -3.84 25.40
N PHE B 191 -21.88 -3.96 24.26
CA PHE B 191 -21.62 -5.28 23.69
C PHE B 191 -20.51 -6.00 24.45
N MET B 192 -19.37 -5.36 24.57
CA MET B 192 -18.22 -5.95 25.25
C MET B 192 -18.57 -6.45 26.65
N SER B 193 -19.26 -5.62 27.43
CA SER B 193 -19.65 -6.00 28.78
C SER B 193 -20.57 -7.21 28.78
N HIS B 194 -21.34 -7.36 27.70
CA HIS B 194 -22.25 -8.50 27.59
C HIS B 194 -21.49 -9.70 27.05
N ALA B 195 -20.36 -9.43 26.41
CA ALA B 195 -19.52 -10.48 25.85
C ALA B 195 -18.64 -11.06 26.96
N GLY B 196 -18.55 -10.33 28.06
CA GLY B 196 -17.74 -10.78 29.17
C GLY B 196 -16.36 -10.15 29.22
N ILE B 197 -16.21 -8.98 28.59
CA ILE B 197 -14.93 -8.29 28.57
C ILE B 197 -14.91 -7.22 29.66
MG MG C . 13.00 1.52 -1.48
PG GSP D . 10.63 -0.54 -2.75
O3B GSP D . 10.77 0.36 -4.07
S1G GSP D . 10.49 -2.26 -3.37
O2G GSP D . 11.73 -0.20 -1.84
O3G GSP D . 9.39 -0.20 -1.98
PB GSP D . 10.99 1.96 -4.14
O1B GSP D . 9.74 2.70 -3.95
O2B GSP D . 11.94 2.42 -3.14
PA GSP D . 13.04 2.54 -6.14
O1A GSP D . 13.45 3.86 -5.73
O2A GSP D . 13.87 1.38 -5.73
O3A GSP D . 11.53 2.25 -5.60
O5' GSP D . 12.78 2.58 -7.68
C5' GSP D . 12.74 1.42 -8.51
C4' GSP D . 13.41 1.67 -9.86
O4' GSP D . 12.79 2.79 -10.52
C3' GSP D . 14.88 2.06 -9.66
O3' GSP D . 15.65 1.52 -10.70
C2' GSP D . 14.93 3.57 -9.82
O2' GSP D . 16.11 4.16 -10.25
C1' GSP D . 13.84 3.74 -10.88
N9 GSP D . 13.14 5.01 -10.79
C8 GSP D . 12.65 5.62 -9.65
N7 GSP D . 12.01 6.72 -10.02
C5 GSP D . 12.12 6.89 -11.37
C6 GSP D . 11.67 7.83 -12.33
O6 GSP D . 11.02 8.82 -12.07
N1 GSP D . 11.95 7.64 -13.69
C2 GSP D . 12.68 6.55 -14.11
N2 GSP D . 13.01 6.41 -15.41
N3 GSP D . 13.13 5.63 -13.18
C4 GSP D . 12.80 5.78 -11.87
#